data_5SWQ
#
_entry.id   5SWQ
#
_cell.length_a   51.450
_cell.length_b   80.060
_cell.length_c   55.000
_cell.angle_alpha   90.000
_cell.angle_beta   111.360
_cell.angle_gamma   90.000
#
_symmetry.space_group_name_H-M   'P 1 21 1'
#
loop_
_entity.id
_entity.type
_entity.pdbx_description
1 polymer 'HLA class I histocompatibility antigen, A-2 alpha chain'
2 polymer Beta-2-microglobulin
3 polymer 'NA231 influenza epitope'
4 water water
#
loop_
_entity_poly.entity_id
_entity_poly.type
_entity_poly.pdbx_seq_one_letter_code
_entity_poly.pdbx_strand_id
1 'polypeptide(L)'
;GSHSMRYFFTSVSRPGRGEPRFIAVGYVDDTQFVRFDSDAASQRMEPRAPWIEQEGPEYWDGETRKVKAHSQTHRVDLGT
LRGYYNQSEAGSHTVQRMYGCDVGSDWRFLRGYHQYAYDGKDYIALKEDLRSWTAADMAAQTTKHKWEAAHVAEQLRAYL
EGTCVEWLRRYLENGKETLQRTDAPKTHMTHHAVSDHEATLRCWALSFYPAEITLTWQRDGEDQTQDTELVETRPAGDGT
FQKWVAVVVPSGQEQRYTCHVQHEGLPKPLTLRWEP
;
A
2 'polypeptide(L)'
;IQRTPKIQVYSRHPAENGKSNFLNCYVSGFHPSDIEVDLLKNGERIEKVEHSDLSFSKDWSFYLLYYTEFTPTEKDEYAC
RVNHVTLSQPKIVKWDRDM
;
B
3 'polypeptide(L)' CVNGSCFTV C
#
# COMPACT_ATOMS: atom_id res chain seq x y z
N GLY A 1 6.83 12.85 16.49
CA GLY A 1 6.02 11.92 15.76
C GLY A 1 6.94 10.78 15.42
N SER A 2 6.41 9.57 15.51
CA SER A 2 7.16 8.39 15.17
C SER A 2 7.35 8.29 13.65
N HIS A 3 8.32 7.49 13.23
CA HIS A 3 8.50 7.19 11.83
C HIS A 3 8.79 5.70 11.73
N SER A 4 8.55 5.16 10.55
CA SER A 4 8.73 3.73 10.30
C SER A 4 9.54 3.52 9.03
N MET A 5 10.30 2.43 9.01
CA MET A 5 10.85 1.88 7.78
C MET A 5 10.35 0.46 7.63
N ARG A 6 9.71 0.15 6.52
CA ARG A 6 9.17 -1.18 6.28
CA ARG A 6 9.19 -1.19 6.30
C ARG A 6 9.66 -1.72 4.95
N TYR A 7 9.91 -3.02 4.89
CA TYR A 7 10.25 -3.70 3.67
C TYR A 7 9.22 -4.79 3.43
N PHE A 8 8.73 -4.83 2.20
CA PHE A 8 7.67 -5.73 1.77
C PHE A 8 8.18 -6.69 0.68
N PHE A 9 8.01 -7.99 0.89
CA PHE A 9 8.52 -8.98 -0.05
C PHE A 9 7.43 -9.93 -0.47
N THR A 10 7.26 -10.11 -1.78
CA THR A 10 6.26 -11.04 -2.30
C THR A 10 6.91 -12.01 -3.28
N SER A 11 6.80 -13.31 -3.02
CA SER A 11 7.25 -14.34 -3.97
C SER A 11 6.08 -15.16 -4.41
N VAL A 12 5.89 -15.32 -5.71
CA VAL A 12 4.81 -16.15 -6.24
C VAL A 12 5.35 -17.30 -7.10
N SER A 13 5.09 -18.55 -6.71
CA SER A 13 5.66 -19.67 -7.45
C SER A 13 5.06 -19.80 -8.85
N ARG A 14 5.88 -20.27 -9.78
CA ARG A 14 5.49 -20.40 -11.17
C ARG A 14 5.66 -21.84 -11.59
N PRO A 15 4.65 -22.67 -11.31
N PRO A 15 4.65 -22.67 -11.31
CA PRO A 15 4.67 -24.14 -11.46
CA PRO A 15 4.67 -24.14 -11.46
C PRO A 15 4.96 -24.61 -12.88
C PRO A 15 4.96 -24.61 -12.88
N GLY A 16 4.47 -23.88 -13.87
CA GLY A 16 4.70 -24.22 -15.26
C GLY A 16 6.17 -24.21 -15.67
N ARG A 17 6.89 -23.15 -15.30
CA ARG A 17 8.32 -23.03 -15.65
C ARG A 17 9.05 -21.96 -14.87
N GLY A 18 10.23 -22.30 -14.37
CA GLY A 18 11.13 -21.32 -13.80
C GLY A 18 11.02 -21.00 -12.32
N GLU A 19 11.71 -19.96 -11.92
CA GLU A 19 11.76 -19.51 -10.53
CA GLU A 19 11.76 -19.51 -10.53
C GLU A 19 10.54 -18.66 -10.19
N PRO A 20 10.28 -18.46 -8.89
CA PRO A 20 9.15 -17.62 -8.52
C PRO A 20 9.32 -16.16 -8.97
N ARG A 21 8.20 -15.49 -9.21
CA ARG A 21 8.13 -14.04 -9.38
C ARG A 21 8.35 -13.40 -8.02
N PHE A 22 9.33 -12.51 -7.92
CA PHE A 22 9.70 -11.93 -6.63
C PHE A 22 9.76 -10.40 -6.73
N ILE A 23 9.07 -9.72 -5.83
CA ILE A 23 8.98 -8.27 -5.83
C ILE A 23 9.26 -7.71 -4.44
N ALA A 24 10.25 -6.85 -4.32
CA ALA A 24 10.56 -6.24 -3.04
C ALA A 24 10.38 -4.73 -3.16
N VAL A 25 9.76 -4.12 -2.16
CA VAL A 25 9.69 -2.66 -2.08
C VAL A 25 10.08 -2.21 -0.68
N GLY A 26 10.67 -1.04 -0.57
CA GLY A 26 11.01 -0.52 0.74
C GLY A 26 10.30 0.80 0.94
N TYR A 27 9.82 1.04 2.16
CA TYR A 27 9.13 2.28 2.48
C TYR A 27 9.71 2.97 3.69
N VAL A 28 9.64 4.30 3.66
CA VAL A 28 9.65 5.11 4.87
C VAL A 28 8.28 5.79 4.97
N ASP A 29 7.61 5.57 6.10
CA ASP A 29 6.24 6.01 6.29
C ASP A 29 5.45 5.62 5.06
N ASP A 30 4.79 6.58 4.40
CA ASP A 30 4.00 6.29 3.20
C ASP A 30 4.75 6.59 1.90
N THR A 31 6.10 6.57 1.95
CA THR A 31 6.90 6.91 0.77
C THR A 31 7.77 5.75 0.32
N GLN A 32 7.46 5.15 -0.82
CA GLN A 32 8.29 4.07 -1.36
C GLN A 32 9.64 4.64 -1.81
N PHE A 33 10.75 4.07 -1.36
CA PHE A 33 12.03 4.59 -1.78
C PHE A 33 12.90 3.62 -2.57
N VAL A 34 12.64 2.32 -2.48
CA VAL A 34 13.40 1.36 -3.31
C VAL A 34 12.49 0.27 -3.84
N ARG A 35 12.94 -0.44 -4.87
CA ARG A 35 12.26 -1.65 -5.31
C ARG A 35 13.23 -2.67 -5.89
N PHE A 36 12.79 -3.92 -5.95
CA PHE A 36 13.43 -4.95 -6.78
C PHE A 36 12.34 -5.77 -7.44
N ASP A 37 12.45 -5.98 -8.73
CA ASP A 37 11.49 -6.80 -9.46
C ASP A 37 12.26 -7.83 -10.24
N SER A 38 11.98 -9.11 -9.99
CA SER A 38 12.73 -10.17 -10.66
C SER A 38 12.50 -10.22 -12.16
N ASP A 39 11.36 -9.71 -12.60
CA ASP A 39 11.04 -9.71 -14.03
C ASP A 39 11.76 -8.59 -14.78
N ALA A 40 12.31 -7.63 -14.05
CA ALA A 40 12.96 -6.49 -14.67
C ALA A 40 14.36 -6.85 -15.12
N ALA A 41 14.90 -6.12 -16.09
CA ALA A 41 16.15 -6.48 -16.70
C ALA A 41 17.36 -6.24 -15.78
N SER A 42 17.32 -5.17 -15.01
CA SER A 42 18.52 -4.74 -14.29
C SER A 42 18.97 -5.76 -13.26
N GLN A 43 18.01 -6.46 -12.65
CA GLN A 43 18.34 -7.37 -11.54
C GLN A 43 19.09 -6.59 -10.46
N ARG A 44 18.72 -5.32 -10.31
CA ARG A 44 19.28 -4.43 -9.29
C ARG A 44 18.19 -3.94 -8.35
N MET A 45 18.56 -3.65 -7.11
CA MET A 45 17.70 -2.80 -6.30
C MET A 45 17.76 -1.41 -6.93
N GLU A 46 16.62 -0.74 -7.07
CA GLU A 46 16.52 0.54 -7.77
C GLU A 46 15.90 1.64 -6.91
N PRO A 47 16.37 2.88 -7.06
CA PRO A 47 15.79 4.03 -6.35
C PRO A 47 14.38 4.37 -6.82
N ARG A 48 13.53 4.82 -5.89
CA ARG A 48 12.17 5.24 -6.23
C ARG A 48 11.83 6.55 -5.54
N ALA A 49 12.79 7.09 -4.81
CA ALA A 49 12.67 8.44 -4.28
C ALA A 49 13.99 9.17 -4.48
N PRO A 50 13.92 10.49 -4.75
CA PRO A 50 15.15 11.25 -4.98
C PRO A 50 16.16 11.12 -3.82
N TRP A 51 15.73 11.23 -2.58
CA TRP A 51 16.69 11.32 -1.49
C TRP A 51 17.53 10.07 -1.26
N ILE A 52 17.12 8.93 -1.82
CA ILE A 52 17.90 7.70 -1.70
C ILE A 52 18.99 7.64 -2.79
N GLU A 53 18.82 8.38 -3.87
CA GLU A 53 19.86 8.43 -4.91
C GLU A 53 21.18 9.00 -4.39
N GLN A 54 21.15 9.66 -3.24
CA GLN A 54 22.39 10.10 -2.56
C GLN A 54 23.35 8.94 -2.36
N GLU A 55 22.79 7.74 -2.14
CA GLU A 55 23.63 6.60 -1.80
C GLU A 55 24.49 6.22 -2.99
N GLY A 56 25.72 5.79 -2.71
CA GLY A 56 26.68 5.48 -3.75
C GLY A 56 26.60 4.03 -4.20
N PRO A 57 27.43 3.67 -5.21
CA PRO A 57 27.40 2.35 -5.85
C PRO A 57 27.45 1.22 -4.86
N GLU A 58 28.18 1.42 -3.76
CA GLU A 58 28.33 0.36 -2.77
CA GLU A 58 28.33 0.36 -2.77
C GLU A 58 27.04 0.12 -2.01
N TYR A 59 26.19 1.13 -1.90
CA TYR A 59 24.90 0.91 -1.26
C TYR A 59 24.09 0.03 -2.18
N TRP A 60 24.03 0.41 -3.45
CA TRP A 60 23.19 -0.36 -4.36
C TRP A 60 23.71 -1.78 -4.57
N ASP A 61 25.03 -1.98 -4.57
CA ASP A 61 25.58 -3.34 -4.70
C ASP A 61 25.22 -4.19 -3.49
N GLY A 62 25.27 -3.58 -2.30
CA GLY A 62 24.92 -4.29 -1.08
C GLY A 62 23.45 -4.69 -1.04
N GLU A 63 22.58 -3.73 -1.33
CA GLU A 63 21.15 -3.99 -1.33
C GLU A 63 20.76 -5.06 -2.36
N THR A 64 21.35 -4.97 -3.55
CA THR A 64 21.13 -5.94 -4.62
C THR A 64 21.52 -7.35 -4.19
N ARG A 65 22.68 -7.46 -3.55
CA ARG A 65 23.13 -8.76 -3.06
CA ARG A 65 23.15 -8.75 -3.05
C ARG A 65 22.17 -9.36 -2.04
N LYS A 66 21.82 -8.56 -1.03
CA LYS A 66 20.88 -9.00 0.01
C LYS A 66 19.48 -9.31 -0.51
N VAL A 67 18.93 -8.46 -1.38
CA VAL A 67 17.58 -8.73 -1.86
C VAL A 67 17.56 -9.97 -2.75
N LYS A 68 18.65 -10.22 -3.49
CA LYS A 68 18.78 -11.47 -4.24
C LYS A 68 18.82 -12.68 -3.29
N ALA A 69 19.55 -12.57 -2.19
CA ALA A 69 19.56 -13.62 -1.19
C ALA A 69 18.13 -13.88 -0.70
N HIS A 70 17.41 -12.79 -0.44
CA HIS A 70 15.99 -12.85 -0.06
C HIS A 70 15.13 -13.66 -1.03
N SER A 71 15.30 -13.41 -2.33
CA SER A 71 14.52 -14.10 -3.36
CA SER A 71 14.48 -14.10 -3.33
C SER A 71 14.71 -15.61 -3.27
N GLN A 72 15.97 -16.02 -3.04
CA GLN A 72 16.30 -17.45 -2.99
C GLN A 72 15.78 -18.08 -1.72
N THR A 73 15.88 -17.36 -0.61
CA THR A 73 15.30 -17.84 0.65
C THR A 73 13.80 -18.10 0.47
N HIS A 74 13.10 -17.18 -0.18
CA HIS A 74 11.67 -17.36 -0.47
C HIS A 74 11.41 -18.50 -1.45
N ARG A 75 12.28 -18.69 -2.45
CA ARG A 75 12.13 -19.82 -3.37
C ARG A 75 12.21 -21.15 -2.59
N VAL A 76 13.24 -21.29 -1.78
CA VAL A 76 13.37 -22.45 -0.90
C VAL A 76 12.12 -22.61 -0.04
N ASP A 77 11.64 -21.50 0.51
CA ASP A 77 10.48 -21.50 1.40
C ASP A 77 9.22 -22.02 0.74
N LEU A 78 8.97 -21.59 -0.50
CA LEU A 78 7.83 -22.08 -1.26
C LEU A 78 7.88 -23.61 -1.42
N GLY A 79 9.06 -24.16 -1.65
CA GLY A 79 9.20 -25.61 -1.69
C GLY A 79 8.90 -26.27 -0.35
N THR A 80 9.56 -25.79 0.71
CA THR A 80 9.34 -26.32 2.05
C THR A 80 7.86 -26.27 2.45
N LEU A 81 7.19 -25.17 2.17
CA LEU A 81 5.78 -25.02 2.58
C LEU A 81 4.83 -25.90 1.77
N ARG A 82 5.15 -26.10 0.50
CA ARG A 82 4.40 -27.06 -0.30
C ARG A 82 4.41 -28.42 0.39
N GLY A 83 5.58 -28.75 0.93
CA GLY A 83 5.81 -29.99 1.63
C GLY A 83 5.06 -30.05 2.93
N TYR A 84 5.21 -29.01 3.76
CA TYR A 84 4.47 -28.92 5.02
C TYR A 84 2.98 -29.11 4.80
N TYR A 85 2.42 -28.39 3.83
CA TYR A 85 0.99 -28.42 3.59
C TYR A 85 0.55 -29.47 2.60
N ASN A 86 1.46 -30.41 2.31
CA ASN A 86 1.16 -31.50 1.37
C ASN A 86 0.45 -31.02 0.11
N GLN A 87 1.09 -30.12 -0.63
CA GLN A 87 0.47 -29.62 -1.84
C GLN A 87 1.17 -30.19 -3.08
N SER A 88 0.47 -30.25 -4.21
CA SER A 88 1.09 -30.70 -5.45
C SER A 88 1.97 -29.61 -6.00
N GLU A 89 2.73 -29.94 -7.05
CA GLU A 89 3.58 -28.98 -7.74
C GLU A 89 2.79 -28.27 -8.83
N ALA A 90 1.50 -28.55 -8.91
CA ALA A 90 0.66 -28.02 -9.96
C ALA A 90 0.25 -26.57 -9.68
N GLY A 91 0.09 -26.23 -8.41
CA GLY A 91 -0.49 -24.94 -8.05
C GLY A 91 0.51 -23.84 -7.77
N SER A 92 0.11 -22.60 -8.06
CA SER A 92 0.93 -21.44 -7.75
C SER A 92 0.62 -20.99 -6.32
N HIS A 93 1.66 -20.73 -5.54
CA HIS A 93 1.49 -20.31 -4.14
C HIS A 93 2.28 -19.05 -3.81
N THR A 94 1.95 -18.43 -2.68
CA THR A 94 2.48 -17.09 -2.35
C THR A 94 3.03 -17.01 -0.95
N VAL A 95 4.24 -16.51 -0.86
CA VAL A 95 4.85 -16.20 0.40
C VAL A 95 5.03 -14.68 0.49
N GLN A 96 4.60 -14.10 1.60
CA GLN A 96 4.83 -12.66 1.83
C GLN A 96 5.58 -12.48 3.14
N ARG A 97 6.53 -11.56 3.16
CA ARG A 97 7.23 -11.23 4.39
C ARG A 97 7.25 -9.72 4.49
N MET A 98 7.00 -9.20 5.69
CA MET A 98 7.17 -7.78 5.95
C MET A 98 7.99 -7.66 7.23
N TYR A 99 8.98 -6.79 7.24
CA TYR A 99 9.69 -6.50 8.47
C TYR A 99 10.11 -5.04 8.51
N GLY A 100 10.51 -4.55 9.67
CA GLY A 100 10.89 -3.15 9.79
C GLY A 100 10.88 -2.61 11.21
N CYS A 101 11.08 -1.31 11.34
CA CYS A 101 11.26 -0.72 12.65
C CYS A 101 10.64 0.65 12.74
N ASP A 102 10.31 1.06 13.95
CA ASP A 102 9.87 2.44 14.19
C ASP A 102 10.86 3.17 15.10
N VAL A 103 11.04 4.47 14.86
CA VAL A 103 11.68 5.34 15.82
C VAL A 103 10.59 6.25 16.34
N GLY A 104 10.74 6.71 17.56
CA GLY A 104 9.78 7.60 18.18
C GLY A 104 10.16 9.06 17.97
N SER A 105 9.47 9.95 18.68
CA SER A 105 9.81 11.36 18.62
C SER A 105 11.19 11.63 19.21
N ASP A 106 11.68 10.73 20.07
CA ASP A 106 13.03 10.91 20.61
C ASP A 106 14.11 10.39 19.65
N TRP A 107 13.66 9.98 18.46
CA TRP A 107 14.50 9.42 17.41
C TRP A 107 15.19 8.11 17.80
N ARG A 108 14.71 7.49 18.87
CA ARG A 108 15.24 6.22 19.32
C ARG A 108 14.30 5.10 18.90
N PHE A 109 14.84 3.89 18.83
CA PHE A 109 14.05 2.67 18.60
C PHE A 109 12.74 2.66 19.39
N LEU A 110 11.64 2.41 18.68
CA LEU A 110 10.32 2.37 19.29
C LEU A 110 9.74 0.97 19.23
N ARG A 111 9.76 0.38 18.04
CA ARG A 111 9.31 -1.00 17.88
C ARG A 111 9.89 -1.65 16.64
N GLY A 112 9.71 -2.96 16.55
CA GLY A 112 10.19 -3.75 15.45
C GLY A 112 9.15 -4.79 15.14
N TYR A 113 9.15 -5.25 13.90
CA TYR A 113 8.23 -6.30 13.49
C TYR A 113 8.88 -7.15 12.41
N HIS A 114 8.42 -8.40 12.33
CA HIS A 114 8.84 -9.33 11.32
C HIS A 114 7.73 -10.37 11.17
N GLN A 115 7.03 -10.31 10.06
CA GLN A 115 5.80 -11.07 9.85
C GLN A 115 5.84 -11.84 8.54
N TYR A 116 5.36 -13.08 8.57
CA TYR A 116 5.43 -13.99 7.44
CA TYR A 116 5.43 -13.99 7.44
C TYR A 116 4.06 -14.57 7.09
N ALA A 117 3.69 -14.54 5.81
CA ALA A 117 2.42 -15.15 5.40
C ALA A 117 2.61 -16.19 4.29
N TYR A 118 1.81 -17.25 4.31
CA TYR A 118 1.71 -18.20 3.20
C TYR A 118 0.29 -18.20 2.66
N ASP A 119 0.18 -18.12 1.33
CA ASP A 119 -1.09 -18.04 0.64
C ASP A 119 -2.08 -17.09 1.31
N GLY A 120 -1.57 -15.92 1.70
CA GLY A 120 -2.40 -14.82 2.19
C GLY A 120 -2.88 -14.97 3.62
N LYS A 121 -2.30 -15.92 4.37
CA LYS A 121 -2.66 -16.12 5.78
C LYS A 121 -1.44 -16.04 6.69
N ASP A 122 -1.64 -15.58 7.93
CA ASP A 122 -0.58 -15.60 8.95
C ASP A 122 0.09 -16.97 8.96
N TYR A 123 1.41 -16.98 9.05
CA TYR A 123 2.13 -18.24 9.20
C TYR A 123 2.92 -18.15 10.48
N ILE A 124 3.88 -17.23 10.52
CA ILE A 124 4.67 -17.01 11.72
C ILE A 124 5.09 -15.54 11.83
N ALA A 125 5.07 -15.01 13.05
CA ALA A 125 5.38 -13.61 13.27
C ALA A 125 6.20 -13.42 14.55
N LEU A 126 7.17 -12.54 14.50
CA LEU A 126 7.94 -12.20 15.70
C LEU A 126 7.01 -11.44 16.63
N LYS A 127 7.10 -11.66 17.94
CA LYS A 127 6.21 -10.99 18.88
C LYS A 127 6.79 -9.61 19.15
N GLU A 128 6.06 -8.77 19.89
CA GLU A 128 6.48 -7.38 20.03
C GLU A 128 7.80 -7.25 20.78
N ASP A 129 8.07 -8.17 21.71
CA ASP A 129 9.35 -8.10 22.42
C ASP A 129 10.53 -8.69 21.63
N LEU A 130 10.26 -9.12 20.40
CA LEU A 130 11.31 -9.53 19.46
C LEU A 130 12.17 -10.67 19.99
N ARG A 131 11.60 -11.50 20.85
CA ARG A 131 12.34 -12.62 21.42
C ARG A 131 11.65 -13.96 21.19
N SER A 132 10.39 -13.92 20.77
CA SER A 132 9.64 -15.14 20.53
C SER A 132 8.70 -14.98 19.33
N TRP A 133 8.02 -16.07 19.01
CA TRP A 133 7.30 -16.20 17.75
C TRP A 133 5.86 -16.56 17.96
N THR A 134 4.97 -15.99 17.14
CA THR A 134 3.60 -16.47 17.09
C THR A 134 3.43 -17.38 15.89
N ALA A 135 3.20 -18.66 16.14
CA ALA A 135 2.97 -19.64 15.08
C ALA A 135 1.47 -19.92 14.91
N ALA A 136 0.96 -19.75 13.69
CA ALA A 136 -0.47 -19.81 13.44
C ALA A 136 -1.03 -21.24 13.45
N ASP A 137 -0.27 -22.19 12.93
CA ASP A 137 -0.70 -23.60 12.89
C ASP A 137 0.47 -24.54 13.19
N MET A 138 0.30 -25.83 12.88
CA MET A 138 1.24 -26.83 13.35
C MET A 138 2.46 -26.87 12.42
N ALA A 139 2.26 -26.57 11.14
CA ALA A 139 3.40 -26.37 10.24
C ALA A 139 4.29 -25.22 10.70
N ALA A 140 3.67 -24.13 11.18
CA ALA A 140 4.48 -22.99 11.62
C ALA A 140 5.25 -23.34 12.91
N GLN A 141 4.72 -24.32 13.65
CA GLN A 141 5.37 -24.78 14.87
CA GLN A 141 5.37 -24.79 14.87
C GLN A 141 6.75 -25.38 14.56
N THR A 142 6.85 -26.08 13.43
CA THR A 142 8.13 -26.59 12.97
C THR A 142 9.09 -25.43 12.77
N THR A 143 8.64 -24.45 12.00
CA THR A 143 9.46 -23.29 11.73
C THR A 143 9.87 -22.58 13.02
N LYS A 144 8.92 -22.44 13.94
CA LYS A 144 9.18 -21.83 15.23
C LYS A 144 10.29 -22.55 15.99
N HIS A 145 10.22 -23.87 16.06
CA HIS A 145 11.23 -24.66 16.79
CA HIS A 145 11.22 -24.60 16.82
C HIS A 145 12.57 -24.61 16.08
N LYS A 146 12.54 -24.61 14.76
CA LYS A 146 13.79 -24.49 14.01
C LYS A 146 14.44 -23.14 14.26
N TRP A 147 13.62 -22.11 14.36
CA TRP A 147 14.15 -20.75 14.48
C TRP A 147 14.58 -20.45 15.90
N GLU A 148 13.94 -21.09 16.87
CA GLU A 148 14.37 -20.95 18.26
C GLU A 148 15.73 -21.58 18.45
N ALA A 149 15.93 -22.75 17.85
CA ALA A 149 17.19 -23.47 17.98
C ALA A 149 18.35 -22.67 17.37
N ALA A 150 18.09 -21.94 16.29
CA ALA A 150 19.15 -21.20 15.60
C ALA A 150 19.18 -19.74 16.10
N HIS A 151 18.39 -19.44 17.15
CA HIS A 151 18.24 -18.11 17.68
C HIS A 151 18.21 -17.00 16.63
N VAL A 152 17.34 -17.15 15.64
CA VAL A 152 17.07 -16.12 14.64
C VAL A 152 16.54 -14.84 15.26
N ALA A 153 15.72 -14.97 16.31
CA ALA A 153 15.08 -13.82 16.92
C ALA A 153 16.11 -12.85 17.45
N GLU A 154 17.14 -13.38 18.09
CA GLU A 154 18.24 -12.58 18.63
C GLU A 154 18.96 -11.84 17.50
N GLN A 155 19.11 -12.50 16.36
CA GLN A 155 19.79 -11.88 15.23
C GLN A 155 18.93 -10.79 14.62
N LEU A 156 17.64 -11.08 14.46
CA LEU A 156 16.65 -10.11 13.97
C LEU A 156 16.60 -8.88 14.87
N ARG A 157 16.53 -9.10 16.19
CA ARG A 157 16.37 -7.99 17.12
C ARG A 157 17.56 -7.04 17.01
N ALA A 158 18.74 -7.63 16.83
CA ALA A 158 19.96 -6.88 16.61
C ALA A 158 19.81 -5.99 15.38
N TYR A 159 19.25 -6.56 14.32
CA TYR A 159 18.97 -5.77 13.11
C TYR A 159 17.93 -4.70 13.41
N LEU A 160 16.80 -5.09 14.01
CA LEU A 160 15.67 -4.18 14.20
C LEU A 160 15.97 -3.01 15.16
N GLU A 161 16.93 -3.22 16.06
CA GLU A 161 17.27 -2.23 17.06
C GLU A 161 18.53 -1.47 16.70
N GLY A 162 19.30 -2.00 15.76
CA GLY A 162 20.56 -1.36 15.40
C GLY A 162 20.53 -0.81 14.00
N THR A 163 21.01 -1.63 13.05
CA THR A 163 21.07 -1.30 11.63
C THR A 163 19.77 -0.66 11.11
N CYS A 164 18.64 -1.26 11.44
CA CYS A 164 17.35 -0.77 10.92
C CYS A 164 17.05 0.68 11.33
N VAL A 165 17.14 0.96 12.63
CA VAL A 165 16.87 2.28 13.18
CA VAL A 165 16.81 2.30 13.08
C VAL A 165 17.93 3.27 12.72
N GLU A 166 19.17 2.80 12.68
CA GLU A 166 20.27 3.67 12.24
C GLU A 166 20.02 4.16 10.83
N TRP A 167 19.54 3.28 9.96
CA TRP A 167 19.37 3.71 8.59
C TRP A 167 18.08 4.48 8.40
N LEU A 168 17.03 4.15 9.13
CA LEU A 168 15.84 5.01 9.12
C LEU A 168 16.22 6.45 9.50
N ARG A 169 17.10 6.57 10.50
CA ARG A 169 17.54 7.86 10.98
CA ARG A 169 17.56 7.86 10.98
C ARG A 169 18.26 8.61 9.85
N ARG A 170 19.11 7.89 9.14
CA ARG A 170 19.87 8.44 8.05
C ARG A 170 18.95 8.92 6.92
N TYR A 171 17.99 8.07 6.55
CA TYR A 171 17.03 8.41 5.50
C TYR A 171 16.18 9.60 5.87
N LEU A 172 15.64 9.59 7.09
CA LEU A 172 14.84 10.70 7.58
C LEU A 172 15.58 12.02 7.42
N GLU A 173 16.87 12.01 7.75
CA GLU A 173 17.70 13.20 7.63
C GLU A 173 17.90 13.60 6.18
N ASN A 174 18.42 12.68 5.37
CA ASN A 174 18.69 12.98 3.97
C ASN A 174 17.46 13.45 3.21
N GLY A 175 16.30 12.88 3.55
CA GLY A 175 15.08 13.20 2.82
C GLY A 175 14.16 14.13 3.56
N LYS A 176 14.74 14.92 4.46
CA LYS A 176 13.92 15.65 5.42
C LYS A 176 12.95 16.61 4.75
N GLU A 177 13.36 17.20 3.62
CA GLU A 177 12.49 18.13 2.89
C GLU A 177 11.16 17.53 2.45
N THR A 178 11.08 16.21 2.34
CA THR A 178 9.80 15.55 2.04
C THR A 178 9.33 14.61 3.16
N LEU A 179 10.22 13.70 3.56
CA LEU A 179 9.89 12.73 4.60
C LEU A 179 9.44 13.36 5.91
N GLN A 180 9.99 14.53 6.27
CA GLN A 180 9.64 15.15 7.56
C GLN A 180 8.72 16.34 7.38
N ARG A 181 8.19 16.50 6.18
CA ARG A 181 7.25 17.55 5.87
C ARG A 181 5.84 17.00 5.87
N THR A 182 4.93 17.62 6.63
CA THR A 182 3.54 17.20 6.56
C THR A 182 2.82 18.06 5.53
N ASP A 183 1.95 17.43 4.74
CA ASP A 183 1.12 18.16 3.81
C ASP A 183 -0.30 18.15 4.34
N ALA A 184 -0.74 19.27 4.91
CA ALA A 184 -2.10 19.34 5.42
C ALA A 184 -3.05 19.18 4.25
N PRO A 185 -4.18 18.51 4.50
CA PRO A 185 -5.15 18.27 3.43
C PRO A 185 -5.77 19.56 2.93
N LYS A 186 -5.79 19.72 1.61
CA LYS A 186 -6.53 20.82 1.02
CA LYS A 186 -6.52 20.82 1.01
C LYS A 186 -7.98 20.43 0.97
N THR A 187 -8.80 21.11 1.78
CA THR A 187 -10.20 20.69 1.87
C THR A 187 -11.15 21.63 1.15
N HIS A 188 -12.27 21.07 0.73
CA HIS A 188 -13.40 21.86 0.27
C HIS A 188 -14.68 21.02 0.30
N MET A 189 -15.82 21.69 0.16
CA MET A 189 -17.11 21.01 0.13
CA MET A 189 -17.11 21.01 0.13
C MET A 189 -17.82 21.31 -1.19
N THR A 190 -18.45 20.29 -1.74
CA THR A 190 -19.25 20.45 -2.95
C THR A 190 -20.69 20.15 -2.59
N HIS A 191 -21.59 20.59 -3.45
CA HIS A 191 -23.01 20.51 -3.17
C HIS A 191 -23.74 20.35 -4.49
N HIS A 192 -24.65 19.39 -4.54
CA HIS A 192 -25.49 19.24 -5.72
C HIS A 192 -26.82 18.57 -5.35
N ALA A 193 -27.90 19.08 -5.94
CA ALA A 193 -29.24 18.54 -5.72
C ALA A 193 -29.39 17.15 -6.32
N VAL A 194 -30.02 16.25 -5.56
CA VAL A 194 -30.36 14.94 -6.08
C VAL A 194 -31.86 14.93 -6.37
N SER A 195 -32.53 15.95 -5.86
CA SER A 195 -33.97 16.14 -6.07
C SER A 195 -34.31 17.59 -5.79
N ASP A 196 -35.60 17.92 -5.84
CA ASP A 196 -36.08 19.25 -5.48
C ASP A 196 -35.99 19.47 -3.98
N HIS A 197 -35.75 18.41 -3.24
CA HIS A 197 -35.87 18.50 -1.80
C HIS A 197 -34.69 17.92 -1.02
N GLU A 198 -33.76 17.29 -1.73
CA GLU A 198 -32.58 16.69 -1.12
C GLU A 198 -31.33 17.13 -1.86
N ALA A 199 -30.20 17.12 -1.15
CA ALA A 199 -28.93 17.45 -1.75
C ALA A 199 -27.81 16.65 -1.09
N THR A 200 -26.76 16.38 -1.86
CA THR A 200 -25.58 15.69 -1.35
C THR A 200 -24.50 16.69 -1.03
N LEU A 201 -23.98 16.62 0.20
CA LEU A 201 -22.82 17.43 0.57
C LEU A 201 -21.61 16.51 0.56
N ARG A 202 -20.58 16.86 -0.21
CA ARG A 202 -19.35 16.07 -0.24
C ARG A 202 -18.14 16.84 0.30
N CYS A 203 -17.53 16.30 1.34
CA CYS A 203 -16.36 16.92 1.97
C CYS A 203 -15.10 16.29 1.43
N TRP A 204 -14.29 17.09 0.75
CA TRP A 204 -13.07 16.60 0.08
C TRP A 204 -11.80 16.94 0.85
N ALA A 205 -10.92 15.98 0.98
CA ALA A 205 -9.56 16.25 1.44
C ALA A 205 -8.60 15.76 0.36
N LEU A 206 -7.79 16.67 -0.16
CA LEU A 206 -6.88 16.33 -1.26
C LEU A 206 -5.43 16.64 -0.91
N SER A 207 -4.52 15.91 -1.54
CA SER A 207 -3.12 16.28 -1.58
C SER A 207 -2.45 16.29 -0.21
N PHE A 208 -2.88 15.36 0.67
CA PHE A 208 -2.34 15.31 2.02
C PHE A 208 -1.30 14.21 2.17
N TYR A 209 -0.43 14.39 3.17
CA TYR A 209 0.63 13.45 3.50
C TYR A 209 1.01 13.57 4.96
N PRO A 210 1.08 12.46 5.71
CA PRO A 210 0.89 11.04 5.36
C PRO A 210 -0.56 10.64 5.15
N ALA A 211 -0.80 9.36 4.87
CA ALA A 211 -2.14 8.88 4.50
C ALA A 211 -3.15 8.99 5.65
N GLU A 212 -2.67 8.88 6.89
CA GLU A 212 -3.57 8.82 8.04
C GLU A 212 -4.45 10.05 8.15
N ILE A 213 -5.75 9.83 8.27
CA ILE A 213 -6.72 10.90 8.22
C ILE A 213 -8.08 10.43 8.70
N THR A 214 -8.86 11.38 9.19
CA THR A 214 -10.24 11.09 9.54
CA THR A 214 -10.24 11.09 9.54
C THR A 214 -11.17 12.22 9.14
N LEU A 215 -12.21 11.87 8.38
CA LEU A 215 -13.26 12.76 7.95
C LEU A 215 -14.52 12.32 8.69
N THR A 216 -15.22 13.24 9.34
CA THR A 216 -16.45 12.89 10.03
C THR A 216 -17.55 13.92 9.77
N TRP A 217 -18.79 13.47 9.61
CA TRP A 217 -19.92 14.37 9.47
C TRP A 217 -20.66 14.59 10.80
N GLN A 218 -21.08 15.82 11.04
CA GLN A 218 -21.92 16.13 12.18
C GLN A 218 -23.20 16.85 11.76
N ARG A 219 -24.28 16.59 12.51
CA ARG A 219 -25.51 17.38 12.36
C ARG A 219 -25.81 18.02 13.69
N ASP A 220 -25.93 19.35 13.66
CA ASP A 220 -26.12 20.18 14.85
C ASP A 220 -25.16 19.78 15.99
N GLY A 221 -23.95 19.41 15.62
CA GLY A 221 -22.88 19.16 16.57
C GLY A 221 -22.81 17.76 17.16
N GLU A 222 -23.47 16.79 16.54
CA GLU A 222 -23.33 15.38 16.94
C GLU A 222 -23.01 14.52 15.72
N ASP A 223 -22.14 13.52 15.92
CA ASP A 223 -21.73 12.63 14.84
C ASP A 223 -22.92 12.01 14.14
N GLN A 224 -22.90 12.06 12.81
CA GLN A 224 -23.88 11.36 12.01
C GLN A 224 -23.23 10.41 10.99
N THR A 225 -23.63 9.15 11.02
CA THR A 225 -23.18 8.19 10.03
C THR A 225 -24.30 7.82 9.06
N GLN A 226 -25.54 7.94 9.50
CA GLN A 226 -26.67 7.58 8.64
C GLN A 226 -26.73 8.50 7.43
N ASP A 227 -27.05 7.92 6.27
CA ASP A 227 -27.20 8.62 5.01
C ASP A 227 -25.89 9.27 4.56
N THR A 228 -24.78 8.75 5.07
CA THR A 228 -23.47 9.18 4.63
C THR A 228 -22.83 8.14 3.72
N GLU A 229 -21.80 8.55 3.00
CA GLU A 229 -21.05 7.68 2.11
C GLU A 229 -19.60 8.07 2.20
N LEU A 230 -18.74 7.30 1.57
CA LEU A 230 -17.32 7.52 1.76
C LEU A 230 -16.49 6.72 0.77
N VAL A 231 -15.23 7.11 0.58
CA VAL A 231 -14.28 6.26 -0.12
C VAL A 231 -13.08 6.00 0.78
N GLU A 232 -12.42 4.88 0.53
CA GLU A 232 -11.20 4.57 1.26
C GLU A 232 -10.14 5.52 0.75
N THR A 233 -9.13 5.75 1.58
CA THR A 233 -8.06 6.68 1.26
C THR A 233 -7.26 6.17 0.05
N ARG A 234 -6.91 7.07 -0.85
CA ARG A 234 -6.38 6.63 -2.14
C ARG A 234 -5.20 7.48 -2.52
N PRO A 235 -4.18 6.87 -3.16
CA PRO A 235 -3.02 7.64 -3.63
C PRO A 235 -3.41 8.51 -4.79
N ALA A 236 -2.93 9.75 -4.80
CA ALA A 236 -3.19 10.64 -5.91
C ALA A 236 -2.20 10.36 -7.05
N GLY A 237 -1.10 9.69 -6.73
CA GLY A 237 -0.12 9.34 -7.73
C GLY A 237 1.16 10.18 -7.69
N ASP A 238 1.13 11.27 -6.91
CA ASP A 238 2.27 12.17 -6.80
C ASP A 238 2.86 12.14 -5.40
N GLY A 239 2.63 11.03 -4.71
CA GLY A 239 3.10 10.85 -3.35
C GLY A 239 2.14 11.34 -2.28
N THR A 240 1.05 12.01 -2.68
CA THR A 240 0.04 12.42 -1.70
C THR A 240 -1.22 11.57 -1.80
N PHE A 241 -2.21 11.87 -0.96
CA PHE A 241 -3.38 11.06 -0.80
C PHE A 241 -4.68 11.86 -0.82
N GLN A 242 -5.79 11.16 -1.06
CA GLN A 242 -7.11 11.78 -1.21
C GLN A 242 -8.15 11.01 -0.44
N LYS A 243 -9.17 11.70 0.08
CA LYS A 243 -10.33 11.04 0.69
C LYS A 243 -11.53 11.95 0.58
N TRP A 244 -12.73 11.39 0.47
CA TRP A 244 -13.91 12.24 0.67
C TRP A 244 -14.98 11.50 1.43
N VAL A 245 -15.96 12.28 1.91
CA VAL A 245 -17.08 11.74 2.67
C VAL A 245 -18.29 12.61 2.40
N ALA A 246 -19.42 11.96 2.16
CA ALA A 246 -20.63 12.67 1.72
C ALA A 246 -21.80 12.34 2.63
N VAL A 247 -22.73 13.29 2.77
CA VAL A 247 -24.02 13.05 3.43
C VAL A 247 -25.13 13.55 2.50
N VAL A 248 -26.31 12.91 2.53
CA VAL A 248 -27.47 13.45 1.81
C VAL A 248 -28.36 14.15 2.84
N VAL A 249 -28.80 15.35 2.53
CA VAL A 249 -29.52 16.16 3.51
C VAL A 249 -30.76 16.78 2.87
N PRO A 250 -31.75 17.12 3.69
CA PRO A 250 -32.89 17.90 3.19
C PRO A 250 -32.40 19.26 2.72
N SER A 251 -32.81 19.70 1.55
CA SER A 251 -32.30 20.97 1.03
C SER A 251 -32.87 22.14 1.81
N GLY A 252 -32.03 23.14 2.06
CA GLY A 252 -32.42 24.28 2.89
C GLY A 252 -31.82 24.07 4.26
N GLN A 253 -31.44 22.84 4.58
CA GLN A 253 -30.94 22.51 5.91
C GLN A 253 -29.44 22.23 5.93
N GLU A 254 -28.73 22.69 4.89
CA GLU A 254 -27.31 22.37 4.73
C GLU A 254 -26.45 22.88 5.90
N GLN A 255 -26.86 24.01 6.47
CA GLN A 255 -26.12 24.67 7.56
C GLN A 255 -26.01 23.85 8.85
N ARG A 256 -26.95 22.92 9.06
CA ARG A 256 -26.88 22.04 10.21
C ARG A 256 -25.66 21.14 10.16
N TYR A 257 -25.16 20.91 8.96
CA TYR A 257 -24.18 19.86 8.75
C TYR A 257 -22.75 20.39 8.70
N THR A 258 -21.86 19.77 9.46
CA THR A 258 -20.44 20.12 9.38
C THR A 258 -19.56 18.92 9.06
N CYS A 259 -18.50 19.16 8.30
CA CYS A 259 -17.49 18.13 8.07
C CYS A 259 -16.25 18.45 8.91
N HIS A 260 -15.77 17.46 9.66
CA HIS A 260 -14.60 17.63 10.51
C HIS A 260 -13.42 16.80 10.01
N VAL A 261 -12.29 17.47 9.81
CA VAL A 261 -11.08 16.84 9.28
C VAL A 261 -9.94 16.80 10.28
N GLN A 262 -9.51 15.59 10.63
CA GLN A 262 -8.36 15.43 11.51
C GLN A 262 -7.16 14.91 10.74
N HIS A 263 -6.05 15.63 10.85
CA HIS A 263 -4.82 15.21 10.19
C HIS A 263 -3.60 15.76 10.93
N GLU A 264 -2.50 15.01 10.88
CA GLU A 264 -1.26 15.42 11.54
C GLU A 264 -0.82 16.84 11.15
N GLY A 265 -1.00 17.20 9.88
CA GLY A 265 -0.56 18.48 9.40
C GLY A 265 -1.44 19.61 9.90
N LEU A 266 -2.53 19.26 10.55
CA LEU A 266 -3.46 20.25 11.06
C LEU A 266 -3.33 20.33 12.57
N PRO A 267 -2.74 21.43 13.06
CA PRO A 267 -2.60 21.72 14.49
C PRO A 267 -3.88 21.40 15.25
N LYS A 268 -5.01 21.81 14.68
CA LYS A 268 -6.31 21.55 15.27
C LYS A 268 -7.24 21.09 14.15
N PRO A 269 -8.16 20.16 14.45
CA PRO A 269 -9.11 19.71 13.43
C PRO A 269 -9.83 20.87 12.74
N LEU A 270 -10.20 20.63 11.49
CA LEU A 270 -10.78 21.64 10.65
C LEU A 270 -12.27 21.36 10.59
N THR A 271 -13.05 22.43 10.58
CA THR A 271 -14.50 22.30 10.46
C THR A 271 -14.97 22.96 9.18
N LEU A 272 -15.52 22.17 8.28
CA LEU A 272 -16.03 22.76 7.05
C LEU A 272 -17.54 22.81 7.05
N ARG A 273 -18.07 23.91 6.53
CA ARG A 273 -19.50 24.09 6.34
C ARG A 273 -19.80 24.52 4.91
N TRP A 274 -20.97 24.13 4.43
CA TRP A 274 -21.50 24.72 3.21
C TRP A 274 -21.87 26.18 3.54
N GLU A 275 -21.25 27.13 2.82
CA GLU A 275 -21.14 28.54 3.23
C GLU A 275 -20.36 28.71 4.52
N ILE B 1 -7.12 -18.88 0.38
CA ILE B 1 -8.06 -17.78 0.42
C ILE B 1 -7.95 -16.89 -0.82
N GLN B 2 -9.09 -16.53 -1.39
CA GLN B 2 -9.11 -15.57 -2.48
C GLN B 2 -9.91 -14.33 -2.06
N ARG B 3 -9.35 -13.16 -2.31
CA ARG B 3 -10.05 -11.91 -2.06
CA ARG B 3 -10.03 -11.90 -2.05
C ARG B 3 -10.16 -11.09 -3.34
N THR B 4 -11.33 -10.50 -3.55
CA THR B 4 -11.61 -9.81 -4.82
CA THR B 4 -11.61 -9.81 -4.82
C THR B 4 -11.15 -8.35 -4.73
N PRO B 5 -10.73 -7.77 -5.86
CA PRO B 5 -10.22 -6.41 -5.70
C PRO B 5 -11.29 -5.36 -5.55
N LYS B 6 -11.07 -4.38 -4.68
CA LYS B 6 -11.94 -3.23 -4.74
CA LYS B 6 -11.89 -3.19 -4.67
C LYS B 6 -11.27 -2.24 -5.68
N ILE B 7 -12.09 -1.36 -6.26
CA ILE B 7 -11.64 -0.56 -7.38
C ILE B 7 -12.06 0.91 -7.20
N GLN B 8 -11.13 1.83 -7.45
CA GLN B 8 -11.47 3.26 -7.55
C GLN B 8 -10.88 3.88 -8.83
N VAL B 9 -11.72 4.61 -9.56
CA VAL B 9 -11.31 5.39 -10.72
C VAL B 9 -11.47 6.86 -10.42
N TYR B 10 -10.42 7.64 -10.67
CA TYR B 10 -10.41 9.04 -10.26
C TYR B 10 -9.27 9.83 -10.88
N SER B 11 -9.36 11.17 -10.75
CA SER B 11 -8.34 12.10 -11.22
C SER B 11 -7.34 12.43 -10.14
N ARG B 12 -6.10 12.68 -10.55
CA ARG B 12 -5.10 13.08 -9.59
C ARG B 12 -5.39 14.51 -9.15
N HIS B 13 -5.97 15.29 -10.06
CA HIS B 13 -6.25 16.71 -9.84
C HIS B 13 -7.69 16.98 -10.23
N PRO B 14 -8.31 17.99 -9.60
CA PRO B 14 -9.62 18.50 -10.01
C PRO B 14 -9.76 18.50 -11.53
N ALA B 15 -10.86 17.94 -12.00
CA ALA B 15 -11.04 17.71 -13.43
C ALA B 15 -11.57 18.95 -14.14
N GLU B 16 -10.77 19.47 -15.07
CA GLU B 16 -11.16 20.57 -15.93
C GLU B 16 -10.86 20.21 -17.37
N ASN B 17 -11.83 20.45 -18.25
CA ASN B 17 -11.66 19.99 -19.62
C ASN B 17 -10.76 20.97 -20.34
N GLY B 18 -9.79 20.44 -21.07
CA GLY B 18 -8.79 21.27 -21.70
C GLY B 18 -7.48 21.23 -20.94
N LYS B 19 -7.55 20.84 -19.67
CA LYS B 19 -6.36 20.80 -18.82
C LYS B 19 -5.82 19.38 -18.62
N SER B 20 -4.54 19.20 -18.90
CA SER B 20 -3.89 17.91 -18.71
CA SER B 20 -3.89 17.91 -18.72
C SER B 20 -4.01 17.48 -17.25
N ASN B 21 -4.10 16.18 -17.04
CA ASN B 21 -4.39 15.62 -15.75
C ASN B 21 -3.75 14.25 -15.74
N PHE B 22 -4.13 13.42 -14.78
CA PHE B 22 -3.70 12.02 -14.74
C PHE B 22 -4.88 11.20 -14.33
N LEU B 23 -5.12 10.08 -15.01
CA LEU B 23 -6.24 9.20 -14.69
C LEU B 23 -5.74 8.03 -13.86
N ASN B 24 -6.37 7.80 -12.71
CA ASN B 24 -5.95 6.73 -11.81
C ASN B 24 -6.93 5.57 -11.71
N CYS B 25 -6.38 4.37 -11.60
CA CYS B 25 -7.20 3.22 -11.21
C CYS B 25 -6.52 2.50 -10.05
N TYR B 26 -7.11 2.61 -8.87
CA TYR B 26 -6.54 2.04 -7.65
C TYR B 26 -7.20 0.70 -7.33
N VAL B 27 -6.45 -0.39 -7.36
CA VAL B 27 -7.00 -1.69 -6.98
C VAL B 27 -6.38 -2.16 -5.68
N SER B 28 -7.24 -2.57 -4.76
CA SER B 28 -6.75 -3.01 -3.46
C SER B 28 -7.60 -4.14 -2.87
N GLY B 29 -7.13 -4.68 -1.76
CA GLY B 29 -7.85 -5.70 -1.03
C GLY B 29 -7.85 -7.07 -1.67
N PHE B 30 -7.02 -7.30 -2.68
CA PHE B 30 -7.13 -8.55 -3.42
C PHE B 30 -6.03 -9.57 -3.08
N HIS B 31 -6.37 -10.85 -3.26
CA HIS B 31 -5.41 -11.95 -3.18
C HIS B 31 -5.95 -13.04 -4.10
N PRO B 32 -5.08 -13.72 -4.87
CA PRO B 32 -3.63 -13.55 -4.99
C PRO B 32 -3.26 -12.32 -5.83
N SER B 33 -1.96 -12.14 -6.14
CA SER B 33 -1.47 -10.87 -6.71
C SER B 33 -1.73 -10.71 -8.20
N ASP B 34 -1.79 -11.83 -8.91
CA ASP B 34 -2.10 -11.80 -10.35
C ASP B 34 -3.40 -11.06 -10.61
N ILE B 35 -3.33 -10.07 -11.48
CA ILE B 35 -4.45 -9.19 -11.78
C ILE B 35 -4.19 -8.46 -13.11
N GLU B 36 -5.24 -8.17 -13.85
CA GLU B 36 -5.11 -7.44 -15.10
C GLU B 36 -5.92 -6.16 -15.00
N VAL B 37 -5.28 -5.03 -15.22
CA VAL B 37 -5.91 -3.71 -15.10
C VAL B 37 -5.64 -2.88 -16.33
N ASP B 38 -6.69 -2.45 -17.02
CA ASP B 38 -6.54 -1.59 -18.19
C ASP B 38 -7.31 -0.29 -17.97
N LEU B 39 -6.75 0.81 -18.45
CA LEU B 39 -7.49 2.07 -18.50
C LEU B 39 -8.06 2.30 -19.90
N LEU B 40 -9.35 2.59 -19.97
CA LEU B 40 -10.04 2.78 -21.24
C LEU B 40 -10.47 4.24 -21.49
N LYS B 41 -10.28 4.68 -22.73
CA LYS B 41 -10.86 5.93 -23.21
C LYS B 41 -11.90 5.59 -24.27
N ASN B 42 -13.15 5.97 -24.02
CA ASN B 42 -14.26 5.60 -24.89
C ASN B 42 -14.21 4.12 -25.22
N GLY B 43 -14.21 3.30 -24.17
CA GLY B 43 -14.30 1.86 -24.32
C GLY B 43 -13.03 1.18 -24.84
N GLU B 44 -12.02 1.97 -25.14
CA GLU B 44 -10.82 1.43 -25.77
C GLU B 44 -9.54 1.68 -24.95
N ARG B 45 -8.70 0.66 -24.88
CA ARG B 45 -7.51 0.61 -24.03
C ARG B 45 -6.44 1.66 -24.30
N ILE B 46 -6.09 2.43 -23.27
CA ILE B 46 -4.96 3.36 -23.36
C ILE B 46 -3.66 2.56 -23.27
N GLU B 47 -2.73 2.82 -24.19
CA GLU B 47 -1.69 1.83 -24.50
C GLU B 47 -0.49 1.71 -23.57
N LYS B 48 0.03 2.81 -23.03
CA LYS B 48 1.01 2.62 -21.98
C LYS B 48 0.44 3.32 -20.75
N VAL B 49 -0.24 2.49 -19.97
CA VAL B 49 -0.57 2.80 -18.60
C VAL B 49 0.62 2.32 -17.77
N GLU B 50 0.97 3.05 -16.72
CA GLU B 50 1.99 2.54 -15.79
C GLU B 50 1.31 2.00 -14.54
N HIS B 51 2.07 1.37 -13.67
CA HIS B 51 1.53 1.00 -12.38
C HIS B 51 2.63 1.04 -11.32
N SER B 52 2.20 1.15 -10.08
CA SER B 52 3.14 1.16 -8.97
C SER B 52 3.73 -0.23 -8.78
N ASP B 53 4.73 -0.31 -7.92
CA ASP B 53 5.26 -1.57 -7.47
C ASP B 53 4.33 -2.30 -6.49
N LEU B 54 4.18 -3.60 -6.71
CA LEU B 54 3.29 -4.43 -5.90
C LEU B 54 3.63 -4.37 -4.41
N SER B 55 2.66 -4.01 -3.59
CA SER B 55 2.83 -4.02 -2.13
C SER B 55 1.55 -4.53 -1.50
N PHE B 56 1.56 -4.75 -0.19
CA PHE B 56 0.37 -5.29 0.47
C PHE B 56 0.10 -4.63 1.83
N SER B 57 -1.17 -4.69 2.26
CA SER B 57 -1.57 -4.12 3.53
CA SER B 57 -1.57 -4.12 3.53
C SER B 57 -1.31 -5.11 4.65
N LYS B 58 -1.65 -4.74 5.87
CA LYS B 58 -1.27 -5.59 6.99
C LYS B 58 -2.08 -6.89 7.02
N ASP B 59 -3.24 -6.92 6.36
CA ASP B 59 -4.02 -8.15 6.30
C ASP B 59 -3.52 -9.05 5.16
N TRP B 60 -2.39 -8.66 4.57
CA TRP B 60 -1.72 -9.33 3.46
C TRP B 60 -2.43 -9.18 2.11
N SER B 61 -3.47 -8.35 2.05
CA SER B 61 -4.08 -8.12 0.73
CA SER B 61 -4.12 -8.06 0.76
C SER B 61 -3.25 -7.12 -0.07
N PHE B 62 -3.23 -7.32 -1.39
CA PHE B 62 -2.35 -6.53 -2.26
C PHE B 62 -2.99 -5.23 -2.72
N TYR B 63 -2.17 -4.27 -3.16
CA TYR B 63 -2.70 -3.04 -3.77
C TYR B 63 -1.77 -2.51 -4.86
N LEU B 64 -2.37 -1.97 -5.92
CA LEU B 64 -1.64 -1.39 -7.04
C LEU B 64 -2.36 -0.14 -7.53
N LEU B 65 -1.58 0.86 -7.92
CA LEU B 65 -2.11 2.02 -8.61
C LEU B 65 -1.76 1.96 -10.08
N TYR B 66 -2.77 1.96 -10.95
CA TYR B 66 -2.54 2.11 -12.39
C TYR B 66 -2.82 3.56 -12.81
N TYR B 67 -2.02 4.10 -13.72
CA TYR B 67 -2.20 5.50 -14.08
C TYR B 67 -1.67 5.86 -15.45
N THR B 68 -2.26 6.92 -16.01
CA THR B 68 -1.78 7.47 -17.26
C THR B 68 -2.22 8.91 -17.36
N GLU B 69 -1.54 9.65 -18.23
CA GLU B 69 -1.89 11.04 -18.48
C GLU B 69 -3.13 11.11 -19.38
N PHE B 70 -3.87 12.20 -19.26
CA PHE B 70 -5.06 12.39 -20.06
C PHE B 70 -5.57 13.83 -19.89
N THR B 71 -6.39 14.25 -20.82
CA THR B 71 -7.02 15.56 -20.72
C THR B 71 -8.50 15.32 -20.83
N PRO B 72 -9.22 15.57 -19.74
CA PRO B 72 -10.67 15.41 -19.76
C PRO B 72 -11.30 16.30 -20.83
N THR B 73 -12.36 15.81 -21.47
CA THR B 73 -13.25 16.67 -22.24
C THR B 73 -14.65 16.39 -21.70
N GLU B 74 -15.66 17.03 -22.27
CA GLU B 74 -16.99 16.84 -21.72
C GLU B 74 -17.69 15.62 -22.33
N LYS B 75 -17.26 15.21 -23.52
CA LYS B 75 -17.91 14.07 -24.19
C LYS B 75 -17.18 12.77 -23.90
N ASP B 76 -15.90 12.87 -23.53
CA ASP B 76 -15.06 11.69 -23.41
C ASP B 76 -15.38 10.87 -22.18
N GLU B 77 -15.39 9.56 -22.37
CA GLU B 77 -15.69 8.62 -21.31
C GLU B 77 -14.44 7.83 -20.94
N TYR B 78 -14.14 7.76 -19.66
CA TYR B 78 -13.01 6.98 -19.21
C TYR B 78 -13.48 5.92 -18.24
N ALA B 79 -12.80 4.79 -18.24
CA ALA B 79 -13.16 3.69 -17.37
C ALA B 79 -11.94 2.89 -16.99
N CYS B 80 -12.12 1.93 -16.09
CA CYS B 80 -11.04 1.04 -15.70
CA CYS B 80 -11.03 1.03 -15.77
C CYS B 80 -11.51 -0.41 -15.74
N ARG B 81 -10.77 -1.28 -16.40
CA ARG B 81 -11.15 -2.67 -16.54
C ARG B 81 -10.25 -3.57 -15.69
N VAL B 82 -10.87 -4.35 -14.81
CA VAL B 82 -10.11 -5.19 -13.90
C VAL B 82 -10.49 -6.66 -14.03
N ASN B 83 -9.52 -7.52 -14.28
CA ASN B 83 -9.81 -8.92 -14.18
C ASN B 83 -8.92 -9.60 -13.16
N HIS B 84 -9.54 -10.51 -12.41
CA HIS B 84 -8.92 -11.24 -11.32
C HIS B 84 -9.52 -12.65 -11.31
N VAL B 85 -8.86 -13.59 -10.64
CA VAL B 85 -9.38 -14.96 -10.61
C VAL B 85 -10.70 -15.01 -9.86
N THR B 86 -10.90 -14.09 -8.93
CA THR B 86 -12.11 -14.03 -8.13
C THR B 86 -13.32 -13.61 -8.96
N LEU B 87 -13.07 -12.96 -10.07
CA LEU B 87 -14.14 -12.38 -10.86
C LEU B 87 -14.62 -13.33 -11.92
N SER B 88 -15.92 -13.63 -11.93
CA SER B 88 -16.44 -14.47 -13.01
C SER B 88 -16.21 -13.73 -14.36
N GLN B 89 -16.41 -12.40 -14.30
CA GLN B 89 -16.34 -11.49 -15.45
CA GLN B 89 -16.37 -11.46 -15.43
C GLN B 89 -15.36 -10.34 -15.14
N PRO B 90 -14.65 -9.82 -16.18
CA PRO B 90 -13.80 -8.64 -16.00
C PRO B 90 -14.64 -7.43 -15.60
N LYS B 91 -14.31 -6.78 -14.48
CA LYS B 91 -15.13 -5.69 -13.95
C LYS B 91 -14.73 -4.32 -14.53
N ILE B 92 -15.73 -3.56 -14.96
CA ILE B 92 -15.45 -2.25 -15.53
C ILE B 92 -16.10 -1.15 -14.71
N VAL B 93 -15.26 -0.20 -14.29
CA VAL B 93 -15.72 0.93 -13.51
C VAL B 93 -15.48 2.24 -14.30
N LYS B 94 -16.56 2.97 -14.54
CA LYS B 94 -16.51 4.20 -15.32
C LYS B 94 -15.94 5.33 -14.46
N TRP B 95 -15.32 6.31 -15.08
CA TRP B 95 -14.83 7.47 -14.34
C TRP B 95 -15.90 8.55 -14.20
N ASP B 96 -16.17 8.95 -12.96
CA ASP B 96 -17.10 10.03 -12.63
C ASP B 96 -16.33 11.20 -11.99
N ARG B 97 -16.38 12.36 -12.63
CA ARG B 97 -15.70 13.58 -12.18
C ARG B 97 -15.80 13.90 -10.68
N ASP B 98 -16.88 13.47 -10.03
CA ASP B 98 -17.07 13.78 -8.61
C ASP B 98 -16.85 12.56 -7.70
N MET B 99 -16.40 11.46 -8.30
CA MET B 99 -16.23 10.16 -7.62
C MET B 99 -17.44 9.72 -6.79
N CYS C 1 17.85 0.13 4.53
CA CYS C 1 18.85 -0.93 4.51
C CYS C 1 18.28 -2.25 5.00
N VAL C 2 18.14 -3.22 4.08
CA VAL C 2 17.59 -4.54 4.44
C VAL C 2 18.64 -5.34 5.24
N ASN C 3 18.22 -6.35 6.00
CA ASN C 3 19.21 -7.23 6.63
C ASN C 3 19.50 -8.41 5.71
N GLY C 4 20.56 -9.18 5.92
CA GLY C 4 21.54 -9.03 6.99
C GLY C 4 21.81 -10.42 7.53
N SER C 5 20.77 -11.26 7.49
CA SER C 5 20.83 -12.66 7.88
C SER C 5 19.61 -13.37 7.25
N CYS C 6 19.87 -14.49 6.57
CA CYS C 6 18.77 -15.19 5.92
C CYS C 6 18.63 -16.63 6.41
N PHE C 7 17.39 -16.96 6.75
CA PHE C 7 17.00 -18.19 7.44
C PHE C 7 15.73 -18.71 6.77
N THR C 8 15.67 -20.01 6.54
CA THR C 8 14.56 -20.57 5.81
C THR C 8 13.52 -21.18 6.75
N VAL C 9 12.31 -21.27 6.25
CA VAL C 9 11.17 -21.70 7.03
C VAL C 9 11.22 -23.21 7.28
#